data_2QRZ
#
_entry.id   2QRZ
#
_cell.length_a   98.500
_cell.length_b   98.500
_cell.length_c   102.400
_cell.angle_alpha   90.000
_cell.angle_beta   90.000
_cell.angle_gamma   90.000
#
_symmetry.space_group_name_H-M   'P 41 21 2'
#
loop_
_entity.id
_entity.type
_entity.pdbx_description
1 polymer 'Cell division control protein 42 homolog precursor'
2 non-polymer 'MAGNESIUM ION'
3 non-polymer 'SULFATE ION'
4 non-polymer 'PHOSPHOMETHYLPHOSPHONIC ACID GUANYLATE ESTER'
5 water water
#
_entity_poly.entity_id   1
_entity_poly.type   'polypeptide(L)'
_entity_poly.pdbx_seq_one_letter_code
;MQTIKCVVVGDGAVGKTCLLISYTTNKFPSEYVPTVFDNYAVTVMIGGEPYTLGLFDTAGQEDYDRLRPLSYPQTDVFLV
CFSVVSPSSFENVKEKWVPEITHHCPKTPFLLVGTQIDLRDDPSTIEKLAKNKQKPITPETAEKLARDLKAVKYVECSAL
TQKGLKNVFDEAILAALEPPEPKKSRRCV
;
_entity_poly.pdbx_strand_id   A,B
#
# COMPACT_ATOMS: atom_id res chain seq x y z
N MET A 1 7.88 -17.53 -14.37
CA MET A 1 7.58 -16.89 -13.05
C MET A 1 6.09 -16.57 -12.90
N GLN A 2 5.67 -16.34 -11.66
CA GLN A 2 4.27 -16.06 -11.34
C GLN A 2 3.72 -14.76 -11.90
N THR A 3 2.49 -14.81 -12.39
CA THR A 3 1.89 -13.62 -12.96
C THR A 3 0.49 -13.31 -12.45
N ILE A 4 0.18 -12.03 -12.43
CA ILE A 4 -1.11 -11.54 -12.01
C ILE A 4 -1.61 -10.61 -13.12
N LYS A 5 -2.85 -10.81 -13.54
CA LYS A 5 -3.41 -9.97 -14.58
C LYS A 5 -4.49 -9.08 -13.98
N CYS A 6 -4.36 -7.78 -14.24
CA CYS A 6 -5.31 -6.80 -13.74
C CYS A 6 -5.85 -5.97 -14.89
N VAL A 7 -7.17 -5.90 -15.01
CA VAL A 7 -7.82 -5.14 -16.06
C VAL A 7 -8.56 -3.95 -15.48
N VAL A 8 -8.37 -2.78 -16.10
CA VAL A 8 -8.99 -1.55 -15.65
C VAL A 8 -10.13 -1.14 -16.58
N VAL A 9 -11.33 -0.99 -16.00
CA VAL A 9 -12.53 -0.62 -16.75
C VAL A 9 -13.16 0.61 -16.11
N GLY A 10 -13.98 1.31 -16.89
CA GLY A 10 -14.65 2.51 -16.42
C GLY A 10 -14.93 3.45 -17.58
N ASP A 11 -15.83 4.40 -17.37
CA ASP A 11 -16.21 5.38 -18.39
C ASP A 11 -15.06 6.20 -18.95
N GLY A 12 -15.30 6.85 -20.08
CA GLY A 12 -14.29 7.70 -20.67
C GLY A 12 -14.11 8.90 -19.75
N ALA A 13 -12.93 9.49 -19.75
CA ALA A 13 -12.63 10.67 -18.92
C ALA A 13 -12.49 10.36 -17.43
N VAL A 14 -12.48 9.08 -17.07
CA VAL A 14 -12.35 8.71 -15.67
C VAL A 14 -10.90 8.76 -15.21
N GLY A 15 -9.97 8.58 -16.13
CA GLY A 15 -8.57 8.65 -15.78
C GLY A 15 -7.87 7.30 -15.74
N LYS A 16 -8.44 6.31 -16.42
CA LYS A 16 -7.84 4.98 -16.43
C LYS A 16 -6.40 4.98 -16.92
N THR A 17 -6.15 5.59 -18.08
CA THR A 17 -4.80 5.60 -18.61
C THR A 17 -3.82 6.36 -17.75
N CYS A 18 -4.19 7.56 -17.29
CA CYS A 18 -3.29 8.35 -16.44
C CYS A 18 -2.98 7.59 -15.17
N LEU A 19 -3.96 6.83 -14.71
CA LEU A 19 -3.80 6.04 -13.51
C LEU A 19 -2.68 5.00 -13.69
N LEU A 20 -2.65 4.38 -14.87
CA LEU A 20 -1.65 3.37 -15.15
C LEU A 20 -0.27 3.95 -15.44
N ILE A 21 -0.24 5.04 -16.22
CA ILE A 21 1.04 5.68 -16.56
C ILE A 21 1.74 6.21 -15.30
N SER A 22 0.98 6.91 -14.44
CA SER A 22 1.55 7.47 -13.20
C SER A 22 2.11 6.36 -12.36
N TYR A 23 1.37 5.27 -12.24
CA TYR A 23 1.84 4.16 -11.43
C TYR A 23 3.09 3.50 -12.02
N THR A 24 3.06 3.17 -13.30
CA THR A 24 4.22 2.51 -13.91
C THR A 24 5.42 3.40 -14.22
N THR A 25 5.21 4.72 -14.38
CA THR A 25 6.36 5.60 -14.66
C THR A 25 6.57 6.63 -13.55
N ASN A 26 5.79 6.50 -12.47
CA ASN A 26 5.91 7.42 -11.34
C ASN A 26 5.87 8.88 -11.78
N LYS A 27 5.28 9.11 -12.94
CA LYS A 27 5.16 10.47 -13.43
C LYS A 27 3.88 10.67 -14.22
N PHE A 28 3.00 11.50 -13.67
CA PHE A 28 1.74 11.82 -14.29
C PHE A 28 2.00 12.45 -15.66
N PRO A 29 1.32 11.96 -16.72
CA PRO A 29 1.49 12.50 -18.06
C PRO A 29 0.68 13.78 -18.29
N SER A 30 1.25 14.91 -17.88
CA SER A 30 0.58 16.20 -18.00
C SER A 30 0.68 16.86 -19.37
N GLU A 31 1.69 16.50 -20.15
CA GLU A 31 1.88 17.08 -21.48
C GLU A 31 0.96 16.50 -22.55
N TYR A 32 0.87 15.18 -22.58
CA TYR A 32 0.06 14.49 -23.56
C TYR A 32 -0.33 13.11 -23.06
N VAL A 33 -1.62 12.87 -22.83
CA VAL A 33 -2.05 11.56 -22.38
C VAL A 33 -2.01 10.61 -23.59
N PRO A 34 -1.17 9.55 -23.52
CA PRO A 34 -1.05 8.58 -24.61
C PRO A 34 -2.42 8.05 -25.04
N THR A 35 -2.67 8.10 -26.35
CA THR A 35 -3.96 7.68 -26.89
C THR A 35 -4.14 6.19 -27.03
N VAL A 36 -3.04 5.47 -27.25
CA VAL A 36 -3.07 4.02 -27.41
C VAL A 36 -3.60 3.25 -26.19
N PHE A 37 -4.43 2.24 -26.46
CA PHE A 37 -4.97 1.38 -25.41
C PHE A 37 -3.91 0.30 -25.30
N ASP A 38 -3.12 0.36 -24.24
CA ASP A 38 -2.03 -0.59 -24.06
C ASP A 38 -2.13 -1.38 -22.76
N ASN A 39 -1.14 -2.22 -22.53
CA ASN A 39 -1.05 -3.01 -21.32
C ASN A 39 0.38 -2.83 -20.83
N TYR A 40 0.54 -2.73 -19.52
CA TYR A 40 1.85 -2.50 -18.93
C TYR A 40 2.25 -3.62 -17.98
N ALA A 41 3.53 -3.68 -17.66
CA ALA A 41 4.01 -4.70 -16.77
C ALA A 41 4.98 -4.13 -15.75
N VAL A 42 4.85 -4.59 -14.51
CA VAL A 42 5.75 -4.18 -13.44
C VAL A 42 6.00 -5.41 -12.60
N THR A 43 7.25 -5.61 -12.24
CA THR A 43 7.63 -6.75 -11.42
C THR A 43 7.55 -6.30 -9.97
N VAL A 44 6.96 -7.13 -9.12
CA VAL A 44 6.83 -6.81 -7.70
C VAL A 44 7.25 -7.99 -6.85
N MET A 45 8.06 -7.72 -5.82
CA MET A 45 8.55 -8.74 -4.92
C MET A 45 7.48 -9.14 -3.92
N ILE A 46 7.18 -10.43 -3.88
CA ILE A 46 6.19 -10.98 -2.97
C ILE A 46 6.80 -12.19 -2.26
N GLY A 47 7.10 -12.02 -0.97
CA GLY A 47 7.70 -13.10 -0.21
C GLY A 47 9.06 -13.52 -0.76
N GLY A 48 9.82 -12.55 -1.27
CA GLY A 48 11.13 -12.86 -1.83
C GLY A 48 11.09 -13.50 -3.21
N GLU A 49 9.92 -13.50 -3.84
CA GLU A 49 9.77 -14.09 -5.16
C GLU A 49 9.28 -13.07 -6.18
N PRO A 50 9.86 -13.08 -7.39
CA PRO A 50 9.49 -12.15 -8.47
C PRO A 50 8.10 -12.45 -9.03
N TYR A 51 7.28 -11.41 -9.12
CA TYR A 51 5.92 -11.52 -9.66
C TYR A 51 5.76 -10.45 -10.72
N THR A 52 5.15 -10.81 -11.84
CA THR A 52 4.91 -9.85 -12.90
C THR A 52 3.45 -9.42 -12.79
N LEU A 53 3.25 -8.12 -12.66
CA LEU A 53 1.91 -7.57 -12.55
C LEU A 53 1.51 -7.00 -13.90
N GLY A 54 0.56 -7.66 -14.57
CA GLY A 54 0.11 -7.20 -15.87
C GLY A 54 -1.11 -6.32 -15.74
N LEU A 55 -0.96 -5.04 -16.11
CA LEU A 55 -2.03 -4.06 -16.05
C LEU A 55 -2.57 -3.84 -17.47
N PHE A 56 -3.86 -4.11 -17.64
CA PHE A 56 -4.49 -3.96 -18.95
C PHE A 56 -5.50 -2.82 -19.03
N ASP A 57 -5.20 -1.87 -19.90
CA ASP A 57 -6.06 -0.70 -20.11
C ASP A 57 -7.18 -1.12 -21.08
N THR A 58 -8.32 -0.45 -21.00
CA THR A 58 -9.44 -0.75 -21.90
C THR A 58 -10.06 0.52 -22.44
N ALA A 59 -10.91 0.38 -23.45
CA ALA A 59 -11.59 1.53 -24.04
C ALA A 59 -12.91 1.68 -23.31
N GLY A 60 -13.14 2.84 -22.70
CA GLY A 60 -14.36 3.06 -21.97
C GLY A 60 -15.57 3.48 -22.79
N GLN A 61 -15.36 3.88 -24.04
CA GLN A 61 -16.47 4.29 -24.88
C GLN A 61 -17.39 3.13 -25.19
N GLU A 62 -18.67 3.45 -25.37
CA GLU A 62 -19.73 2.49 -25.67
C GLU A 62 -19.49 1.81 -27.03
N ASP A 63 -18.70 2.44 -27.90
CA ASP A 63 -18.42 1.85 -29.21
C ASP A 63 -17.66 0.54 -29.12
N TYR A 64 -17.04 0.28 -27.96
CA TYR A 64 -16.26 -0.93 -27.77
C TYR A 64 -16.88 -2.02 -26.92
N ASP A 65 -18.18 -1.93 -26.67
CA ASP A 65 -18.84 -2.96 -25.86
C ASP A 65 -18.63 -4.37 -26.39
N ARG A 66 -18.69 -4.54 -27.72
CA ARG A 66 -18.53 -5.86 -28.31
C ARG A 66 -17.11 -6.39 -28.27
N LEU A 67 -16.13 -5.50 -28.40
CA LEU A 67 -14.74 -5.92 -28.40
C LEU A 67 -14.03 -5.96 -27.04
N ARG A 68 -14.44 -5.09 -26.12
CA ARG A 68 -13.78 -5.03 -24.81
C ARG A 68 -13.61 -6.35 -24.09
N PRO A 69 -14.68 -7.14 -23.97
CA PRO A 69 -14.56 -8.43 -23.27
C PRO A 69 -13.38 -9.29 -23.72
N LEU A 70 -12.93 -9.13 -24.96
CA LEU A 70 -11.82 -9.93 -25.48
C LEU A 70 -10.55 -9.82 -24.63
N SER A 71 -10.47 -8.79 -23.78
CA SER A 71 -9.31 -8.60 -22.93
C SER A 71 -9.47 -9.29 -21.57
N TYR A 72 -10.70 -9.64 -21.23
CA TYR A 72 -11.01 -10.26 -19.92
C TYR A 72 -10.44 -11.64 -19.57
N PRO A 73 -10.19 -12.51 -20.56
CA PRO A 73 -9.65 -13.84 -20.28
C PRO A 73 -8.39 -13.88 -19.40
N GLN A 74 -8.39 -14.79 -18.43
CA GLN A 74 -7.24 -14.94 -17.53
C GLN A 74 -7.09 -13.83 -16.49
N THR A 75 -8.02 -12.88 -16.46
CA THR A 75 -7.93 -11.79 -15.49
C THR A 75 -8.05 -12.27 -14.04
N ASP A 76 -7.14 -11.83 -13.20
CA ASP A 76 -7.14 -12.21 -11.80
C ASP A 76 -7.94 -11.22 -10.98
N VAL A 77 -7.84 -9.94 -11.33
CA VAL A 77 -8.56 -8.90 -10.61
C VAL A 77 -8.94 -7.70 -11.48
N PHE A 78 -10.13 -7.17 -11.26
CA PHE A 78 -10.62 -6.01 -11.99
C PHE A 78 -10.63 -4.75 -11.14
N LEU A 79 -10.30 -3.63 -11.79
CA LEU A 79 -10.34 -2.32 -11.15
C LEU A 79 -11.49 -1.60 -11.86
N VAL A 80 -12.57 -1.36 -11.13
CA VAL A 80 -13.72 -0.67 -11.70
C VAL A 80 -13.60 0.77 -11.22
N CYS A 81 -13.27 1.65 -12.16
CA CYS A 81 -13.03 3.05 -11.85
C CYS A 81 -14.13 4.04 -12.23
N PHE A 82 -14.24 5.07 -11.41
CA PHE A 82 -15.19 6.17 -11.63
C PHE A 82 -14.50 7.41 -11.06
N SER A 83 -14.83 8.57 -11.60
CA SER A 83 -14.24 9.81 -11.10
C SER A 83 -15.12 10.32 -9.95
N VAL A 84 -14.51 10.76 -8.86
CA VAL A 84 -15.29 11.26 -7.73
C VAL A 84 -15.98 12.60 -8.02
N VAL A 85 -15.55 13.29 -9.08
CA VAL A 85 -16.17 14.56 -9.44
C VAL A 85 -17.04 14.36 -10.69
N SER A 86 -17.42 13.11 -10.93
CA SER A 86 -18.26 12.77 -12.07
C SER A 86 -19.34 11.81 -11.65
N PRO A 87 -20.45 12.33 -11.10
CA PRO A 87 -21.58 11.52 -10.65
C PRO A 87 -22.04 10.54 -11.73
N SER A 88 -21.97 10.99 -12.98
CA SER A 88 -22.38 10.18 -14.11
C SER A 88 -21.59 8.87 -14.17
N SER A 89 -20.28 8.97 -14.06
CA SER A 89 -19.44 7.79 -14.13
C SER A 89 -19.68 6.87 -12.95
N PHE A 90 -19.99 7.45 -11.80
CA PHE A 90 -20.24 6.67 -10.60
C PHE A 90 -21.50 5.82 -10.81
N GLU A 91 -22.54 6.43 -11.39
CA GLU A 91 -23.76 5.69 -11.61
C GLU A 91 -23.58 4.57 -12.65
N ASN A 92 -22.68 4.78 -13.61
CA ASN A 92 -22.45 3.75 -14.62
C ASN A 92 -21.75 2.52 -14.05
N VAL A 93 -21.21 2.67 -12.84
CA VAL A 93 -20.53 1.57 -12.17
C VAL A 93 -21.53 0.46 -11.91
N LYS A 94 -22.67 0.86 -11.37
CA LYS A 94 -23.72 -0.07 -11.02
C LYS A 94 -24.57 -0.46 -12.24
N GLU A 95 -24.83 0.52 -13.09
CA GLU A 95 -25.65 0.32 -14.27
C GLU A 95 -24.95 -0.43 -15.41
N LYS A 96 -23.65 -0.22 -15.57
CA LYS A 96 -22.92 -0.83 -16.67
C LYS A 96 -21.69 -1.69 -16.40
N TRP A 97 -20.74 -1.18 -15.62
CA TRP A 97 -19.50 -1.89 -15.37
C TRP A 97 -19.50 -3.15 -14.52
N VAL A 98 -20.12 -3.12 -13.34
CA VAL A 98 -20.12 -4.33 -12.53
C VAL A 98 -20.95 -5.38 -13.24
N PRO A 99 -22.10 -4.99 -13.83
CA PRO A 99 -22.89 -6.01 -14.54
C PRO A 99 -22.07 -6.67 -15.65
N GLU A 100 -21.40 -5.87 -16.46
CA GLU A 100 -20.60 -6.41 -17.56
C GLU A 100 -19.53 -7.36 -17.06
N ILE A 101 -18.78 -6.92 -16.06
CA ILE A 101 -17.70 -7.70 -15.48
C ILE A 101 -18.19 -9.00 -14.81
N THR A 102 -19.29 -8.94 -14.08
CA THR A 102 -19.77 -10.14 -13.42
C THR A 102 -20.38 -11.11 -14.43
N HIS A 103 -20.96 -10.57 -15.49
CA HIS A 103 -21.55 -11.40 -16.54
C HIS A 103 -20.50 -12.30 -17.18
N HIS A 104 -19.41 -11.69 -17.66
CA HIS A 104 -18.33 -12.44 -18.31
C HIS A 104 -17.36 -13.15 -17.35
N CYS A 105 -17.25 -12.66 -16.12
CA CYS A 105 -16.34 -13.26 -15.17
C CYS A 105 -16.92 -13.24 -13.75
N PRO A 106 -17.97 -14.04 -13.51
CA PRO A 106 -18.66 -14.12 -12.21
C PRO A 106 -17.83 -14.41 -10.95
N LYS A 107 -16.73 -15.15 -11.08
CA LYS A 107 -15.90 -15.48 -9.92
C LYS A 107 -14.73 -14.53 -9.64
N THR A 108 -14.37 -13.73 -10.62
CA THR A 108 -13.24 -12.81 -10.49
C THR A 108 -13.54 -11.60 -9.60
N PRO A 109 -12.67 -11.32 -8.63
CA PRO A 109 -12.93 -10.18 -7.76
C PRO A 109 -12.64 -8.81 -8.39
N PHE A 110 -13.18 -7.76 -7.79
CA PHE A 110 -12.93 -6.43 -8.32
C PHE A 110 -12.95 -5.40 -7.21
N LEU A 111 -12.18 -4.35 -7.40
CA LEU A 111 -12.12 -3.24 -6.46
C LEU A 111 -12.81 -2.03 -7.08
N LEU A 112 -13.49 -1.25 -6.25
CA LEU A 112 -14.13 -0.03 -6.74
C LEU A 112 -13.06 1.04 -6.54
N VAL A 113 -12.71 1.72 -7.62
CA VAL A 113 -11.67 2.73 -7.55
C VAL A 113 -12.14 4.14 -7.88
N GLY A 114 -12.18 5.00 -6.87
CA GLY A 114 -12.56 6.38 -7.09
C GLY A 114 -11.31 7.11 -7.54
N THR A 115 -11.42 7.86 -8.63
CA THR A 115 -10.25 8.57 -9.17
C THR A 115 -10.40 10.10 -9.17
N GLN A 116 -9.29 10.78 -9.47
CA GLN A 116 -9.27 12.24 -9.54
C GLN A 116 -9.71 12.91 -8.23
N ILE A 117 -9.31 12.34 -7.09
CA ILE A 117 -9.71 12.93 -5.81
C ILE A 117 -9.17 14.34 -5.59
N ASP A 118 -8.13 14.71 -6.31
CA ASP A 118 -7.56 16.04 -6.17
C ASP A 118 -8.57 17.09 -6.63
N LEU A 119 -9.47 16.71 -7.53
CA LEU A 119 -10.47 17.62 -8.03
C LEU A 119 -11.65 17.91 -7.09
N ARG A 120 -11.74 17.19 -5.98
CA ARG A 120 -12.83 17.43 -5.04
C ARG A 120 -12.62 18.78 -4.34
N ASP A 121 -11.36 19.19 -4.26
CA ASP A 121 -11.00 20.47 -3.62
C ASP A 121 -10.68 21.53 -4.67
N ASP A 122 -11.33 21.42 -5.83
CA ASP A 122 -11.14 22.36 -6.92
C ASP A 122 -12.40 23.22 -7.03
N PRO A 123 -12.30 24.50 -6.64
CA PRO A 123 -13.43 25.43 -6.69
C PRO A 123 -14.19 25.36 -8.01
N SER A 124 -13.45 25.50 -9.11
CA SER A 124 -14.03 25.46 -10.45
C SER A 124 -14.94 24.26 -10.66
N THR A 125 -14.42 23.06 -10.37
CA THR A 125 -15.18 21.82 -10.54
C THR A 125 -16.46 21.82 -9.72
N ILE A 126 -16.36 22.26 -8.46
CA ILE A 126 -17.52 22.31 -7.59
C ILE A 126 -18.58 23.21 -8.21
N GLU A 127 -18.15 24.35 -8.73
CA GLU A 127 -19.04 25.31 -9.35
C GLU A 127 -19.77 24.69 -10.55
N LYS A 128 -19.02 23.97 -11.37
CA LYS A 128 -19.59 23.33 -12.55
C LYS A 128 -20.63 22.30 -12.16
N LEU A 129 -20.32 21.51 -11.14
CA LEU A 129 -21.23 20.48 -10.65
C LEU A 129 -22.44 21.13 -9.98
N ALA A 130 -22.20 22.25 -9.31
CA ALA A 130 -23.25 22.97 -8.61
C ALA A 130 -24.31 23.50 -9.58
N LYS A 131 -23.86 24.00 -10.73
CA LYS A 131 -24.77 24.56 -11.73
C LYS A 131 -25.74 23.54 -12.30
N ASN A 132 -25.64 22.28 -11.84
CA ASN A 132 -26.52 21.22 -12.30
C ASN A 132 -27.11 20.50 -11.10
N LYS A 133 -26.90 21.09 -9.92
CA LYS A 133 -27.38 20.52 -8.67
C LYS A 133 -26.71 19.18 -8.39
N GLN A 134 -25.38 19.17 -8.53
CA GLN A 134 -24.58 17.99 -8.30
C GLN A 134 -23.40 18.28 -7.38
N LYS A 135 -23.02 17.28 -6.61
CA LYS A 135 -21.89 17.38 -5.70
C LYS A 135 -20.98 16.18 -5.87
N PRO A 136 -19.70 16.34 -5.50
CA PRO A 136 -18.73 15.25 -5.62
C PRO A 136 -19.19 14.00 -4.87
N ILE A 137 -18.81 12.83 -5.35
CA ILE A 137 -19.18 11.58 -4.69
C ILE A 137 -18.30 11.49 -3.44
N THR A 138 -18.89 11.17 -2.30
CA THR A 138 -18.12 11.07 -1.07
C THR A 138 -17.67 9.63 -0.80
N PRO A 139 -16.59 9.46 -0.02
CA PRO A 139 -16.10 8.13 0.29
C PRO A 139 -17.18 7.23 0.92
N GLU A 140 -18.07 7.84 1.70
CA GLU A 140 -19.16 7.11 2.36
C GLU A 140 -20.16 6.55 1.36
N THR A 141 -20.52 7.36 0.37
CA THR A 141 -21.46 6.93 -0.65
C THR A 141 -20.85 5.81 -1.48
N ALA A 142 -19.56 5.95 -1.80
CA ALA A 142 -18.85 4.96 -2.60
C ALA A 142 -18.68 3.65 -1.86
N GLU A 143 -18.36 3.75 -0.57
CA GLU A 143 -18.17 2.57 0.27
C GLU A 143 -19.45 1.79 0.38
N LYS A 144 -20.58 2.48 0.35
CA LYS A 144 -21.86 1.81 0.44
C LYS A 144 -22.10 1.04 -0.88
N LEU A 145 -21.80 1.67 -2.02
CA LEU A 145 -21.97 1.01 -3.31
C LEU A 145 -21.05 -0.22 -3.43
N ALA A 146 -19.82 -0.09 -2.95
CA ALA A 146 -18.86 -1.19 -2.99
C ALA A 146 -19.39 -2.38 -2.20
N ARG A 147 -19.92 -2.09 -1.01
CA ARG A 147 -20.44 -3.12 -0.14
C ARG A 147 -21.64 -3.82 -0.79
N ASP A 148 -22.56 -3.03 -1.34
CA ASP A 148 -23.74 -3.59 -1.98
C ASP A 148 -23.46 -4.37 -3.26
N LEU A 149 -22.41 -3.98 -3.98
CA LEU A 149 -22.07 -4.66 -5.23
C LEU A 149 -21.13 -5.85 -5.02
N LYS A 150 -20.72 -6.07 -3.78
CA LYS A 150 -19.82 -7.19 -3.44
C LYS A 150 -18.39 -6.98 -3.93
N ALA A 151 -17.94 -5.74 -3.95
CA ALA A 151 -16.57 -5.46 -4.38
C ALA A 151 -15.66 -5.90 -3.24
N VAL A 152 -14.39 -6.17 -3.52
CA VAL A 152 -13.47 -6.57 -2.46
C VAL A 152 -13.37 -5.42 -1.45
N LYS A 153 -13.30 -4.19 -1.97
CA LYS A 153 -13.25 -2.99 -1.14
C LYS A 153 -13.18 -1.74 -2.01
N TYR A 154 -13.37 -0.58 -1.38
CA TYR A 154 -13.31 0.70 -2.08
C TYR A 154 -12.01 1.41 -1.76
N VAL A 155 -11.30 1.84 -2.80
CA VAL A 155 -10.05 2.56 -2.65
C VAL A 155 -10.15 3.77 -3.56
N GLU A 156 -9.40 4.82 -3.27
CA GLU A 156 -9.46 5.99 -4.13
C GLU A 156 -8.10 6.64 -4.28
N CYS A 157 -7.94 7.42 -5.33
CA CYS A 157 -6.65 8.06 -5.54
C CYS A 157 -6.69 9.23 -6.50
N SER A 158 -5.50 9.77 -6.75
CA SER A 158 -5.32 10.86 -7.68
C SER A 158 -4.06 10.55 -8.47
N ALA A 159 -4.20 10.38 -9.77
CA ALA A 159 -3.04 10.08 -10.59
C ALA A 159 -2.22 11.36 -10.73
N LEU A 160 -2.88 12.51 -10.58
CA LEU A 160 -2.21 13.82 -10.69
C LEU A 160 -1.19 14.00 -9.56
N THR A 161 -1.66 14.05 -8.32
CA THR A 161 -0.76 14.22 -7.18
C THR A 161 -0.14 12.90 -6.77
N GLN A 162 -0.67 11.80 -7.32
CA GLN A 162 -0.20 10.46 -7.03
C GLN A 162 -0.61 9.97 -5.63
N LYS A 163 -1.59 10.65 -5.02
CA LYS A 163 -2.06 10.26 -3.70
C LYS A 163 -2.98 9.03 -3.71
N GLY A 164 -2.60 8.01 -2.96
CA GLY A 164 -3.41 6.80 -2.90
C GLY A 164 -3.13 5.86 -4.04
N LEU A 165 -2.29 6.30 -4.98
CA LEU A 165 -1.96 5.52 -6.15
C LEU A 165 -1.43 4.11 -5.85
N LYS A 166 -0.26 4.05 -5.23
CA LYS A 166 0.37 2.79 -4.91
C LYS A 166 -0.56 1.90 -4.12
N ASN A 167 -1.38 2.51 -3.27
CA ASN A 167 -2.31 1.78 -2.43
C ASN A 167 -3.30 0.99 -3.27
N VAL A 168 -3.84 1.64 -4.31
CA VAL A 168 -4.80 0.99 -5.20
C VAL A 168 -4.26 -0.34 -5.70
N PHE A 169 -3.02 -0.34 -6.20
CA PHE A 169 -2.40 -1.55 -6.73
C PHE A 169 -1.87 -2.54 -5.71
N ASP A 170 -1.53 -2.07 -4.52
CA ASP A 170 -1.09 -2.99 -3.47
C ASP A 170 -2.31 -3.85 -3.14
N GLU A 171 -3.45 -3.17 -3.02
CA GLU A 171 -4.73 -3.80 -2.71
C GLU A 171 -5.17 -4.72 -3.83
N ALA A 172 -4.88 -4.34 -5.07
CA ALA A 172 -5.26 -5.19 -6.19
C ALA A 172 -4.42 -6.44 -6.09
N ILE A 173 -3.14 -6.29 -5.75
CA ILE A 173 -2.27 -7.44 -5.63
C ILE A 173 -2.76 -8.39 -4.54
N LEU A 174 -3.09 -7.85 -3.36
CA LEU A 174 -3.57 -8.66 -2.26
C LEU A 174 -4.86 -9.41 -2.61
N ALA A 175 -5.71 -8.78 -3.40
CA ALA A 175 -6.96 -9.40 -3.80
C ALA A 175 -6.76 -10.46 -4.89
N ALA A 176 -5.67 -10.33 -5.62
CA ALA A 176 -5.35 -11.23 -6.72
C ALA A 176 -4.67 -12.53 -6.30
N LEU A 177 -3.92 -12.49 -5.20
CA LEU A 177 -3.21 -13.65 -4.72
C LEU A 177 -4.10 -14.90 -4.66
N GLU A 178 -3.97 -15.71 -5.69
CA GLU A 178 -4.74 -16.94 -5.86
C GLU A 178 -4.35 -18.05 -4.88
N PRO A 179 -5.23 -18.38 -3.93
CA PRO A 179 -4.91 -19.45 -2.97
C PRO A 179 -4.55 -20.72 -3.73
N PRO A 180 -3.35 -21.27 -3.48
CA PRO A 180 -2.79 -22.48 -4.07
C PRO A 180 -3.72 -23.66 -4.33
N GLU A 181 -4.85 -23.72 -3.62
CA GLU A 181 -5.80 -24.82 -3.79
C GLU A 181 -5.66 -25.42 -5.18
N PRO A 182 -5.50 -26.76 -5.27
CA PRO A 182 -5.35 -27.46 -6.55
C PRO A 182 -5.72 -26.61 -7.76
N LYS A 183 -7.01 -26.40 -7.96
CA LYS A 183 -7.47 -25.60 -9.09
C LYS A 183 -8.92 -25.16 -8.89
N LYS A 184 -9.07 -23.96 -8.35
CA LYS A 184 -10.36 -23.34 -8.10
C LYS A 184 -10.08 -21.84 -8.02
N SER A 185 -9.33 -21.36 -9.00
CA SER A 185 -8.95 -19.97 -9.06
C SER A 185 -10.08 -19.14 -9.63
N ARG A 186 -10.02 -17.84 -9.39
CA ARG A 186 -11.03 -16.92 -9.90
C ARG A 186 -10.59 -16.31 -11.22
N ARG A 187 -9.52 -16.85 -11.81
CA ARG A 187 -9.03 -16.35 -13.09
C ARG A 187 -10.19 -16.47 -14.08
N CYS A 188 -10.42 -15.42 -14.86
CA CYS A 188 -11.52 -15.43 -15.82
C CYS A 188 -11.27 -16.39 -16.98
N VAL A 189 -12.31 -17.09 -17.39
CA VAL A 189 -12.23 -18.01 -18.53
C VAL A 189 -13.40 -17.68 -19.44
N MET B 1 -6.48 -20.39 11.44
CA MET B 1 -6.50 -19.13 10.63
C MET B 1 -5.08 -18.63 10.37
N GLN B 2 -4.84 -18.13 9.16
CA GLN B 2 -3.53 -17.64 8.76
C GLN B 2 -3.05 -16.44 9.57
N THR B 3 -1.81 -16.50 10.02
CA THR B 3 -1.26 -15.41 10.81
C THR B 3 0.12 -14.96 10.34
N ILE B 4 0.37 -13.67 10.47
CA ILE B 4 1.64 -13.08 10.08
C ILE B 4 2.12 -12.32 11.29
N LYS B 5 3.36 -12.56 11.69
CA LYS B 5 3.90 -11.85 12.85
C LYS B 5 4.95 -10.87 12.40
N CYS B 6 4.78 -9.62 12.79
CA CYS B 6 5.70 -8.54 12.42
C CYS B 6 6.22 -7.85 13.68
N VAL B 7 7.54 -7.86 13.87
CA VAL B 7 8.16 -7.24 15.04
C VAL B 7 8.88 -5.96 14.67
N VAL B 8 8.56 -4.89 15.40
CA VAL B 8 9.16 -3.59 15.17
C VAL B 8 10.31 -3.34 16.14
N VAL B 9 11.49 -3.04 15.61
CA VAL B 9 12.66 -2.77 16.45
C VAL B 9 13.37 -1.51 15.99
N GLY B 10 13.94 -0.79 16.95
CA GLY B 10 14.65 0.43 16.64
C GLY B 10 15.00 1.21 17.89
N ASP B 11 15.87 2.20 17.73
CA ASP B 11 16.30 3.05 18.84
C ASP B 11 15.13 3.67 19.57
N GLY B 12 15.39 4.22 20.74
CA GLY B 12 14.36 4.87 21.51
C GLY B 12 14.15 6.24 20.90
N ALA B 13 12.98 6.84 21.14
CA ALA B 13 12.67 8.17 20.60
C ALA B 13 12.39 8.18 19.10
N VAL B 14 12.48 7.01 18.47
CA VAL B 14 12.23 6.91 17.03
C VAL B 14 10.76 7.10 16.72
N GLY B 15 9.91 6.40 17.47
CA GLY B 15 8.47 6.51 17.26
C GLY B 15 7.85 5.20 16.86
N LYS B 16 8.44 4.10 17.33
CA LYS B 16 7.95 2.77 17.02
C LYS B 16 6.51 2.57 17.52
N THR B 17 6.28 2.86 18.79
CA THR B 17 4.96 2.71 19.39
C THR B 17 3.90 3.62 18.80
N CYS B 18 4.27 4.87 18.53
CA CYS B 18 3.32 5.83 17.94
C CYS B 18 2.92 5.36 16.56
N LEU B 19 3.87 4.72 15.88
CA LEU B 19 3.64 4.22 14.54
C LEU B 19 2.60 3.09 14.57
N LEU B 20 2.73 2.20 15.54
CA LEU B 20 1.80 1.08 15.65
C LEU B 20 0.40 1.56 16.06
N ILE B 21 0.35 2.50 16.99
CA ILE B 21 -0.92 3.03 17.46
C ILE B 21 -1.65 3.79 16.34
N SER B 22 -0.90 4.56 15.57
CA SER B 22 -1.50 5.34 14.47
C SER B 22 -2.06 4.46 13.37
N TYR B 23 -1.38 3.35 13.10
CA TYR B 23 -1.84 2.46 12.05
C TYR B 23 -3.07 1.66 12.45
N THR B 24 -3.09 1.16 13.68
CA THR B 24 -4.19 0.36 14.20
C THR B 24 -5.43 1.14 14.60
N THR B 25 -5.26 2.38 15.05
CA THR B 25 -6.41 3.19 15.46
C THR B 25 -6.68 4.38 14.53
N ASN B 26 -5.78 4.60 13.57
CA ASN B 26 -5.90 5.71 12.61
C ASN B 26 -5.87 7.08 13.26
N LYS B 27 -5.12 7.22 14.35
CA LYS B 27 -5.02 8.49 15.04
C LYS B 27 -3.76 8.55 15.90
N PHE B 28 -3.07 9.68 15.84
CA PHE B 28 -1.84 9.87 16.59
C PHE B 28 -2.09 10.04 18.09
N PRO B 29 -1.27 9.40 18.94
CA PRO B 29 -1.43 9.50 20.39
C PRO B 29 -0.87 10.80 20.96
N SER B 30 -1.76 11.76 21.24
CA SER B 30 -1.32 13.04 21.80
C SER B 30 -1.50 13.04 23.30
N GLU B 31 -2.75 12.88 23.74
CA GLU B 31 -3.07 12.88 25.16
C GLU B 31 -2.24 11.91 25.97
N TYR B 32 -1.95 10.74 25.40
CA TYR B 32 -1.17 9.73 26.11
C TYR B 32 -0.57 8.66 25.21
N VAL B 33 0.63 8.23 25.55
CA VAL B 33 1.33 7.18 24.80
C VAL B 33 1.78 6.09 25.77
N PRO B 34 1.25 4.87 25.58
CA PRO B 34 1.57 3.72 26.42
C PRO B 34 3.07 3.51 26.69
N THR B 35 3.37 3.10 27.91
CA THR B 35 4.75 2.85 28.31
C THR B 35 4.95 1.34 28.27
N VAL B 36 3.92 0.64 27.80
CA VAL B 36 3.94 -0.82 27.69
C VAL B 36 4.28 -1.27 26.26
N PHE B 37 4.92 -2.43 26.15
CA PHE B 37 5.30 -2.98 24.86
C PHE B 37 4.10 -3.77 24.32
N ASP B 38 2.92 -3.29 24.66
CA ASP B 38 1.64 -3.90 24.26
C ASP B 38 1.61 -4.30 22.79
N ASN B 39 1.29 -5.56 22.53
CA ASN B 39 1.21 -6.05 21.15
C ASN B 39 -0.19 -5.87 20.58
N TYR B 40 -0.24 -5.51 19.30
CA TYR B 40 -1.49 -5.24 18.61
C TYR B 40 -1.84 -6.31 17.58
N ALA B 41 -2.96 -6.13 16.90
CA ALA B 41 -3.42 -7.07 15.88
C ALA B 41 -4.42 -6.40 14.94
N VAL B 42 -4.48 -6.89 13.71
CA VAL B 42 -5.40 -6.38 12.71
C VAL B 42 -5.70 -7.50 11.74
N THR B 43 -6.93 -7.53 11.24
CA THR B 43 -7.34 -8.55 10.29
C THR B 43 -7.25 -7.98 8.89
N VAL B 44 -6.56 -8.69 8.01
CA VAL B 44 -6.40 -8.23 6.63
C VAL B 44 -6.81 -9.31 5.65
N MET B 45 -7.58 -8.92 4.64
CA MET B 45 -8.06 -9.86 3.63
C MET B 45 -7.05 -10.05 2.49
N ILE B 46 -6.63 -11.29 2.28
CA ILE B 46 -5.69 -11.61 1.23
C ILE B 46 -6.24 -12.75 0.38
N GLY B 47 -6.41 -12.50 -0.91
CA GLY B 47 -6.93 -13.52 -1.80
C GLY B 47 -8.25 -14.10 -1.33
N GLY B 48 -9.09 -13.25 -0.74
CA GLY B 48 -10.38 -13.71 -0.27
C GLY B 48 -10.30 -14.45 1.06
N GLU B 49 -9.12 -14.51 1.65
CA GLU B 49 -8.94 -15.19 2.93
C GLU B 49 -8.53 -14.23 4.04
N PRO B 50 -9.06 -14.45 5.25
CA PRO B 50 -8.79 -13.67 6.46
C PRO B 50 -7.41 -13.94 7.02
N TYR B 51 -6.60 -12.90 7.19
CA TYR B 51 -5.27 -13.06 7.78
C TYR B 51 -5.19 -12.16 9.00
N THR B 52 -4.56 -12.65 10.05
CA THR B 52 -4.39 -11.87 11.26
C THR B 52 -2.95 -11.44 11.27
N LEU B 53 -2.73 -10.13 11.18
CA LEU B 53 -1.39 -9.58 11.18
C LEU B 53 -1.08 -9.15 12.62
N GLY B 54 -0.09 -9.81 13.22
CA GLY B 54 0.30 -9.48 14.58
C GLY B 54 1.48 -8.52 14.65
N LEU B 55 1.27 -7.36 15.24
CA LEU B 55 2.35 -6.38 15.36
C LEU B 55 2.91 -6.37 16.78
N PHE B 56 4.17 -6.75 16.91
CA PHE B 56 4.82 -6.78 18.21
C PHE B 56 5.78 -5.64 18.42
N ASP B 57 5.49 -4.84 19.44
CA ASP B 57 6.30 -3.69 19.79
C ASP B 57 7.45 -4.11 20.70
N THR B 58 8.51 -3.32 20.72
CA THR B 58 9.67 -3.63 21.57
C THR B 58 10.32 -2.35 22.08
N ALA B 59 11.23 -2.54 23.03
CA ALA B 59 11.96 -1.42 23.64
C ALA B 59 13.34 -1.31 23.00
N GLY B 60 13.74 -0.08 22.70
CA GLY B 60 15.04 0.14 22.10
C GLY B 60 16.16 0.47 23.07
N GLN B 61 15.79 0.76 24.31
CA GLN B 61 16.76 1.10 25.34
C GLN B 61 17.76 -0.02 25.60
N GLU B 62 19.02 0.37 25.80
CA GLU B 62 20.12 -0.55 26.03
C GLU B 62 19.89 -1.52 27.19
N ASP B 63 18.87 -1.25 28.01
CA ASP B 63 18.56 -2.10 29.15
C ASP B 63 17.73 -3.31 28.76
N TYR B 64 16.62 -3.06 28.07
CA TYR B 64 15.68 -4.08 27.65
C TYR B 64 16.23 -5.17 26.74
N ASP B 65 17.55 -5.22 26.61
CA ASP B 65 18.19 -5.88 25.47
C ASP B 65 17.75 -7.34 25.37
N ARG B 66 18.24 -8.16 26.29
CA ARG B 66 18.22 -9.61 26.11
C ARG B 66 16.82 -10.17 26.26
N LEU B 67 16.03 -9.55 27.14
CA LEU B 67 14.61 -9.84 27.24
C LEU B 67 13.89 -9.65 25.90
N ARG B 68 14.30 -8.61 25.17
CA ARG B 68 13.69 -8.31 23.88
C ARG B 68 13.63 -9.52 22.94
N PRO B 69 14.74 -10.28 22.84
CA PRO B 69 14.77 -11.45 21.96
C PRO B 69 13.70 -12.49 22.26
N LEU B 70 12.97 -12.30 23.35
CA LEU B 70 11.93 -13.24 23.74
C LEU B 70 10.67 -13.14 22.90
N SER B 71 10.54 -12.06 22.14
CA SER B 71 9.36 -11.85 21.30
C SER B 71 9.59 -12.23 19.83
N TYR B 72 10.82 -12.64 19.51
CA TYR B 72 11.18 -13.02 18.15
C TYR B 72 10.59 -14.35 17.65
N PRO B 73 10.42 -15.33 18.54
CA PRO B 73 9.87 -16.61 18.08
C PRO B 73 8.65 -16.45 17.18
N GLN B 74 8.69 -17.13 16.03
CA GLN B 74 7.58 -17.09 15.07
C GLN B 74 7.42 -15.78 14.30
N THR B 75 8.48 -14.98 14.21
CA THR B 75 8.40 -13.71 13.50
C THR B 75 8.60 -13.90 12.00
N ASP B 76 7.63 -13.45 11.22
CA ASP B 76 7.67 -13.56 9.77
C ASP B 76 8.39 -12.39 9.11
N VAL B 77 8.41 -11.24 9.79
CA VAL B 77 9.08 -10.07 9.24
C VAL B 77 9.33 -8.96 10.26
N PHE B 78 10.48 -8.31 10.11
CA PHE B 78 10.89 -7.23 11.00
C PHE B 78 10.82 -5.87 10.34
N LEU B 79 10.61 -4.84 11.16
CA LEU B 79 10.59 -3.48 10.66
C LEU B 79 11.67 -2.72 11.43
N VAL B 80 12.87 -2.65 10.84
CA VAL B 80 13.99 -1.96 11.47
C VAL B 80 13.75 -0.46 11.28
N CYS B 81 13.31 0.18 12.34
CA CYS B 81 12.98 1.60 12.30
C CYS B 81 14.05 2.58 12.77
N PHE B 82 14.02 3.78 12.20
CA PHE B 82 14.93 4.85 12.56
C PHE B 82 14.32 6.18 12.19
N SER B 83 14.53 7.20 13.03
CA SER B 83 13.99 8.52 12.76
C SER B 83 14.90 9.23 11.75
N VAL B 84 14.30 9.75 10.69
CA VAL B 84 15.07 10.42 9.67
C VAL B 84 15.83 11.63 10.24
N VAL B 85 15.24 12.29 11.24
CA VAL B 85 15.87 13.45 11.87
C VAL B 85 16.78 13.04 13.01
N SER B 86 17.26 11.80 12.97
CA SER B 86 18.15 11.30 14.01
C SER B 86 19.26 10.47 13.41
N PRO B 87 20.29 11.13 12.88
CA PRO B 87 21.43 10.41 12.28
C PRO B 87 21.89 9.31 13.22
N SER B 88 21.78 9.58 14.52
CA SER B 88 22.18 8.62 15.53
C SER B 88 21.46 7.29 15.35
N SER B 89 20.14 7.35 15.26
CA SER B 89 19.33 6.14 15.10
C SER B 89 19.67 5.43 13.79
N PHE B 90 20.06 6.20 12.78
CA PHE B 90 20.41 5.63 11.48
C PHE B 90 21.68 4.80 11.55
N GLU B 91 22.65 5.27 12.32
CA GLU B 91 23.93 4.56 12.47
C GLU B 91 23.73 3.27 13.27
N ASN B 92 22.82 3.31 14.23
CA ASN B 92 22.54 2.13 15.05
C ASN B 92 21.85 1.04 14.25
N VAL B 93 21.33 1.42 13.08
CA VAL B 93 20.65 0.46 12.21
C VAL B 93 21.66 -0.61 11.81
N LYS B 94 22.73 -0.18 11.13
CA LYS B 94 23.77 -1.08 10.67
C LYS B 94 24.65 -1.56 11.81
N GLU B 95 24.97 -0.64 12.71
CA GLU B 95 25.83 -0.91 13.85
C GLU B 95 25.24 -1.80 14.94
N LYS B 96 23.92 -1.84 15.04
CA LYS B 96 23.29 -2.64 16.09
C LYS B 96 22.08 -3.49 15.71
N TRP B 97 21.01 -2.84 15.31
CA TRP B 97 19.78 -3.51 14.95
C TRP B 97 19.87 -4.65 13.94
N VAL B 98 20.26 -4.34 12.71
CA VAL B 98 20.38 -5.37 11.70
C VAL B 98 21.19 -6.53 12.26
N PRO B 99 22.36 -6.24 12.85
CA PRO B 99 23.22 -7.28 13.42
C PRO B 99 22.47 -8.20 14.39
N GLU B 100 21.64 -7.61 15.25
CA GLU B 100 20.87 -8.39 16.22
C GLU B 100 19.89 -9.33 15.54
N ILE B 101 18.95 -8.75 14.80
CA ILE B 101 17.94 -9.52 14.08
C ILE B 101 18.56 -10.66 13.28
N THR B 102 19.58 -10.33 12.49
CA THR B 102 20.25 -11.33 11.66
C THR B 102 20.92 -12.39 12.52
N HIS B 103 21.38 -11.97 13.69
CA HIS B 103 22.04 -12.88 14.62
C HIS B 103 21.07 -13.94 15.08
N HIS B 104 19.96 -13.50 15.67
CA HIS B 104 18.93 -14.39 16.17
C HIS B 104 18.12 -15.08 15.07
N CYS B 105 17.67 -14.30 14.08
CA CYS B 105 16.88 -14.85 12.98
C CYS B 105 17.54 -14.50 11.66
N PRO B 106 18.50 -15.33 11.20
CA PRO B 106 19.24 -15.15 9.95
C PRO B 106 18.42 -15.23 8.67
N LYS B 107 17.28 -15.92 8.71
CA LYS B 107 16.45 -16.08 7.54
C LYS B 107 15.29 -15.08 7.41
N THR B 108 14.75 -14.69 8.55
CA THR B 108 13.63 -13.75 8.59
C THR B 108 13.96 -12.40 7.92
N PRO B 109 13.21 -12.03 6.87
CA PRO B 109 13.44 -10.76 6.16
C PRO B 109 13.06 -9.51 6.97
N PHE B 110 13.57 -8.36 6.55
CA PHE B 110 13.28 -7.13 7.26
C PHE B 110 13.20 -5.92 6.33
N LEU B 111 12.45 -4.92 6.75
CA LEU B 111 12.31 -3.71 5.97
C LEU B 111 12.94 -2.55 6.72
N LEU B 112 13.56 -1.65 5.98
CA LEU B 112 14.17 -0.48 6.58
C LEU B 112 13.09 0.60 6.58
N VAL B 113 12.73 1.08 7.78
CA VAL B 113 11.67 2.08 7.90
C VAL B 113 12.09 3.43 8.46
N GLY B 114 11.96 4.47 7.65
CA GLY B 114 12.29 5.82 8.10
C GLY B 114 11.06 6.43 8.73
N THR B 115 11.17 6.93 9.97
CA THR B 115 10.03 7.53 10.64
C THR B 115 10.14 9.03 10.86
N GLN B 116 9.03 9.62 11.29
CA GLN B 116 8.93 11.06 11.56
C GLN B 116 9.35 11.92 10.39
N ILE B 117 8.97 11.53 9.18
CA ILE B 117 9.33 12.29 7.99
C ILE B 117 8.59 13.62 7.92
N ASP B 118 7.73 13.87 8.91
CA ASP B 118 6.97 15.11 8.96
C ASP B 118 7.82 16.25 9.52
N LEU B 119 8.91 15.88 10.20
CA LEU B 119 9.80 16.84 10.82
C LEU B 119 10.93 17.36 9.92
N ARG B 120 11.13 16.75 8.75
CA ARG B 120 12.18 17.21 7.86
C ARG B 120 11.85 18.61 7.35
N ASP B 121 10.55 18.93 7.38
CA ASP B 121 10.08 20.23 6.93
C ASP B 121 10.07 21.18 8.14
N ASP B 122 9.85 20.61 9.32
CA ASP B 122 9.82 21.40 10.54
C ASP B 122 11.11 22.19 10.66
N PRO B 123 11.02 23.48 11.02
CA PRO B 123 12.19 24.35 11.16
C PRO B 123 13.14 23.95 12.28
N SER B 124 12.67 24.06 13.52
CA SER B 124 13.46 23.74 14.70
C SER B 124 14.37 22.52 14.55
N THR B 125 13.77 21.37 14.28
CA THR B 125 14.53 20.12 14.12
C THR B 125 15.69 20.28 13.15
N ILE B 126 15.59 21.23 12.23
CA ILE B 126 16.65 21.47 11.26
C ILE B 126 17.79 22.25 11.91
N GLU B 127 17.44 23.37 12.52
CA GLU B 127 18.40 24.22 13.19
C GLU B 127 19.18 23.46 14.26
N LYS B 128 18.47 22.68 15.06
CA LYS B 128 19.10 21.89 16.12
C LYS B 128 20.06 20.86 15.52
N LEU B 129 19.79 20.45 14.28
CA LEU B 129 20.65 19.50 13.60
C LEU B 129 21.82 20.23 12.96
N ALA B 130 21.60 21.52 12.67
CA ALA B 130 22.64 22.35 12.06
C ALA B 130 23.74 22.61 13.07
N LYS B 131 23.36 22.80 14.33
CA LYS B 131 24.32 23.06 15.39
C LYS B 131 25.34 21.93 15.47
N ASN B 132 24.87 20.70 15.37
CA ASN B 132 25.77 19.54 15.41
C ASN B 132 26.39 19.27 14.06
N LYS B 133 26.26 20.22 13.14
CA LYS B 133 26.80 20.08 11.79
C LYS B 133 26.15 18.86 11.14
N GLN B 134 24.86 18.71 11.36
CA GLN B 134 24.10 17.59 10.82
C GLN B 134 22.87 17.99 10.02
N LYS B 135 22.42 17.09 9.15
CA LYS B 135 21.24 17.31 8.33
C LYS B 135 20.36 16.07 8.32
N PRO B 136 19.07 16.22 8.02
CA PRO B 136 18.11 15.11 7.97
C PRO B 136 18.53 14.02 6.99
N ILE B 137 18.40 12.77 7.40
CA ILE B 137 18.76 11.66 6.53
C ILE B 137 17.92 11.77 5.27
N THR B 138 18.48 11.40 4.13
CA THR B 138 17.75 11.49 2.87
C THR B 138 17.35 10.10 2.38
N PRO B 139 16.28 10.03 1.58
CA PRO B 139 15.81 8.75 1.03
C PRO B 139 16.94 8.05 0.27
N GLU B 140 17.73 8.85 -0.44
CA GLU B 140 18.84 8.34 -1.23
C GLU B 140 19.83 7.55 -0.37
N THR B 141 20.19 8.12 0.78
CA THR B 141 21.12 7.48 1.69
C THR B 141 20.53 6.18 2.24
N ALA B 142 19.29 6.27 2.72
CA ALA B 142 18.59 5.11 3.30
C ALA B 142 18.50 3.95 2.31
N GLU B 143 18.16 4.26 1.06
CA GLU B 143 18.05 3.23 0.03
C GLU B 143 19.40 2.52 -0.15
N LYS B 144 20.47 3.29 -0.04
CA LYS B 144 21.80 2.72 -0.18
C LYS B 144 22.05 1.74 0.95
N LEU B 145 21.84 2.19 2.20
CA LEU B 145 22.05 1.32 3.34
C LEU B 145 21.16 0.09 3.25
N ALA B 146 19.90 0.31 2.90
CA ALA B 146 18.93 -0.78 2.77
C ALA B 146 19.43 -1.83 1.79
N ARG B 147 20.03 -1.38 0.70
CA ARG B 147 20.55 -2.28 -0.32
C ARG B 147 21.77 -3.03 0.21
N ASP B 148 22.71 -2.28 0.79
CA ASP B 148 23.93 -2.86 1.34
C ASP B 148 23.67 -3.82 2.50
N LEU B 149 22.53 -3.64 3.17
CA LEU B 149 22.18 -4.48 4.31
C LEU B 149 21.29 -5.66 3.94
N LYS B 150 21.03 -5.85 2.65
CA LYS B 150 20.21 -6.96 2.19
C LYS B 150 18.76 -6.89 2.68
N ALA B 151 18.25 -5.67 2.85
CA ALA B 151 16.87 -5.49 3.31
C ALA B 151 15.91 -5.69 2.14
N VAL B 152 14.69 -6.10 2.45
CA VAL B 152 13.69 -6.30 1.40
C VAL B 152 13.62 -5.01 0.60
N LYS B 153 13.54 -3.88 1.32
CA LYS B 153 13.49 -2.57 0.70
C LYS B 153 13.39 -1.50 1.76
N TYR B 154 13.34 -0.24 1.33
CA TYR B 154 13.22 0.88 2.23
C TYR B 154 11.87 1.57 2.05
N VAL B 155 11.27 1.98 3.17
CA VAL B 155 10.01 2.70 3.15
C VAL B 155 10.02 3.68 4.30
N GLU B 156 9.30 4.78 4.16
CA GLU B 156 9.27 5.77 5.22
C GLU B 156 7.86 6.25 5.47
N CYS B 157 7.64 6.86 6.63
CA CYS B 157 6.31 7.32 6.99
C CYS B 157 6.31 8.35 8.11
N SER B 158 5.11 8.80 8.44
CA SER B 158 4.87 9.78 9.49
C SER B 158 3.67 9.33 10.33
N ALA B 159 3.92 8.79 11.51
CA ALA B 159 2.83 8.34 12.37
C ALA B 159 1.88 9.51 12.66
N LEU B 160 2.37 10.73 12.48
CA LEU B 160 1.60 11.94 12.72
C LEU B 160 0.64 12.21 11.56
N THR B 161 1.18 12.68 10.45
CA THR B 161 0.35 12.97 9.28
C THR B 161 -0.24 11.69 8.72
N GLN B 162 0.46 10.58 8.94
CA GLN B 162 0.08 9.26 8.48
C GLN B 162 0.48 9.01 7.03
N LYS B 163 1.37 9.86 6.52
CA LYS B 163 1.85 9.73 5.16
C LYS B 163 2.70 8.46 5.09
N GLY B 164 2.34 7.54 4.18
CA GLY B 164 3.10 6.32 4.01
C GLY B 164 2.93 5.21 5.05
N LEU B 165 2.07 5.43 6.04
CA LEU B 165 1.84 4.46 7.10
C LEU B 165 1.28 3.14 6.58
N LYS B 166 0.16 3.21 5.89
CA LYS B 166 -0.45 2.01 5.35
C LYS B 166 0.50 1.29 4.40
N ASN B 167 1.28 2.06 3.66
CA ASN B 167 2.22 1.48 2.70
C ASN B 167 3.28 0.64 3.42
N VAL B 168 3.72 1.11 4.59
CA VAL B 168 4.73 0.39 5.36
C VAL B 168 4.26 -1.02 5.71
N PHE B 169 3.03 -1.14 6.18
CA PHE B 169 2.50 -2.44 6.54
C PHE B 169 2.04 -3.23 5.34
N ASP B 170 1.73 -2.57 4.24
CA ASP B 170 1.33 -3.30 3.03
C ASP B 170 2.57 -4.04 2.55
N GLU B 171 3.71 -3.35 2.56
CA GLU B 171 4.98 -3.95 2.14
C GLU B 171 5.41 -5.05 3.10
N ALA B 172 5.23 -4.81 4.41
CA ALA B 172 5.59 -5.80 5.41
C ALA B 172 4.83 -7.08 5.17
N ILE B 173 3.55 -6.96 4.86
CA ILE B 173 2.73 -8.14 4.58
C ILE B 173 3.23 -8.82 3.33
N LEU B 174 3.41 -8.03 2.27
CA LEU B 174 3.89 -8.56 1.00
C LEU B 174 5.16 -9.39 1.17
N ALA B 175 6.08 -8.87 1.98
CA ALA B 175 7.35 -9.54 2.23
C ALA B 175 7.26 -10.78 3.09
N ALA B 176 6.10 -11.02 3.71
CA ALA B 176 5.90 -12.17 4.58
C ALA B 176 5.24 -13.39 3.95
N LEU B 177 4.60 -13.21 2.81
CA LEU B 177 3.93 -14.32 2.14
C LEU B 177 4.88 -15.31 1.46
N GLU B 178 4.51 -16.58 1.45
CA GLU B 178 5.32 -17.63 0.82
C GLU B 178 4.70 -19.02 1.06
N PRO B 179 4.82 -19.94 0.08
CA PRO B 179 4.28 -21.31 0.15
C PRO B 179 4.61 -22.07 1.43
N LYS B 183 10.07 -26.13 6.44
CA LYS B 183 9.91 -26.38 5.02
C LYS B 183 10.86 -25.47 4.25
N LYS B 184 10.36 -24.28 3.93
CA LYS B 184 11.13 -23.28 3.20
C LYS B 184 10.65 -21.89 3.62
N SER B 185 10.28 -21.79 4.90
CA SER B 185 9.81 -20.53 5.46
C SER B 185 10.94 -19.84 6.22
N ARG B 186 10.87 -18.52 6.33
CA ARG B 186 11.89 -17.76 7.04
C ARG B 186 11.44 -17.44 8.45
N ARG B 187 10.40 -18.14 8.91
CA ARG B 187 9.88 -17.95 10.25
C ARG B 187 11.01 -18.16 11.26
N CYS B 188 11.16 -17.22 12.19
CA CYS B 188 12.20 -17.33 13.19
C CYS B 188 11.94 -18.47 14.17
N VAL B 189 12.96 -19.27 14.40
CA VAL B 189 12.86 -20.40 15.33
C VAL B 189 14.05 -20.43 16.28
#